data_7Q71
#
_entry.id   7Q71
#
_cell.length_a   46.290
_cell.length_b   46.290
_cell.length_c   163.017
_cell.angle_alpha   90.000
_cell.angle_beta   90.000
_cell.angle_gamma   120.000
#
_symmetry.space_group_name_H-M   'P 32 1 2'
#
loop_
_entity.id
_entity.type
_entity.pdbx_description
1 polymer 'Nuclear hormone receptor 7'
2 non-polymer 'CHLORIDE ION'
3 non-polymer 'PHOSPHATE ION'
4 water water
#
_entity_poly.entity_id   1
_entity_poly.type   'polypeptide(L)'
_entity_poly.pdbx_seq_one_letter_code
;GSSDLFYCDDLGKTLVNSKPDLIPRLPDGQAFDVNVAPEPGQVNVMMQLGYDELRMIIEWARKVPGFNELQMEDRMALLK
SSFMDLNCLRLSYRCLPWLPKVYFGHGVVLSVEETASLGWNRDMITLWEQYVERLQEMKVDHVEFCLLNALVLFYPDASG
LKDKPKVTSLQGDVLKSLRHYTVSRFNDSRRHAKILLRLPALRTFSSKALESYLSMALDGVLKVDELVTEMLS
;
_entity_poly.pdbx_strand_id   A
#
# COMPACT_ATOMS: atom_id res chain seq x y z
N SER A 2 4.42 -22.41 2.80
CA SER A 2 4.94 -22.15 1.46
C SER A 2 6.46 -22.35 1.40
N SER A 3 6.94 -22.80 0.22
CA SER A 3 8.35 -23.06 -0.10
C SER A 3 9.27 -21.81 0.05
N ASP A 4 8.69 -20.60 -0.06
CA ASP A 4 9.33 -19.29 0.02
C ASP A 4 9.91 -18.98 1.40
N LEU A 5 9.17 -19.32 2.48
CA LEU A 5 9.56 -19.06 3.87
C LEU A 5 10.83 -19.81 4.29
N PHE A 6 11.25 -20.80 3.49
CA PHE A 6 12.44 -21.64 3.72
C PHE A 6 13.73 -20.83 3.60
N TYR A 7 13.69 -19.72 2.84
CA TYR A 7 14.85 -18.85 2.60
C TYR A 7 14.80 -17.54 3.39
N CYS A 8 13.80 -17.38 4.28
CA CYS A 8 13.61 -16.21 5.15
C CYS A 8 14.26 -16.38 6.48
N ASP A 9 14.56 -15.28 7.16
CA ASP A 9 15.03 -15.36 8.54
C ASP A 9 13.78 -15.23 9.43
N ASP A 10 13.95 -15.09 10.76
CA ASP A 10 12.82 -15.00 11.69
C ASP A 10 11.97 -13.78 11.47
N LEU A 11 12.60 -12.61 11.21
CA LEU A 11 11.85 -11.38 10.95
C LEU A 11 11.09 -11.47 9.64
N GLY A 12 11.72 -12.05 8.61
CA GLY A 12 11.20 -12.24 7.26
C GLY A 12 9.97 -13.12 7.22
N LYS A 13 9.97 -14.21 8.00
CA LYS A 13 8.82 -15.11 8.12
C LYS A 13 7.62 -14.37 8.72
N THR A 14 7.84 -13.59 9.80
CA THR A 14 6.84 -12.76 10.52
C THR A 14 6.23 -11.72 9.57
N LEU A 15 7.08 -11.05 8.75
CA LEU A 15 6.61 -10.06 7.80
C LEU A 15 5.77 -10.69 6.68
N VAL A 16 6.12 -11.91 6.24
CA VAL A 16 5.32 -12.60 5.23
C VAL A 16 3.96 -12.98 5.90
N ASN A 17 4.05 -13.52 7.13
CA ASN A 17 2.86 -13.96 7.88
C ASN A 17 1.96 -12.82 8.36
N SER A 18 2.43 -11.56 8.38
CA SER A 18 1.65 -10.37 8.74
C SER A 18 0.60 -10.04 7.63
N LYS A 19 0.71 -10.70 6.46
CA LYS A 19 -0.22 -10.59 5.30
C LYS A 19 -0.51 -9.17 4.78
N PRO A 20 0.49 -8.45 4.23
CA PRO A 20 0.19 -7.13 3.66
C PRO A 20 -0.44 -7.33 2.27
N ASP A 21 -0.68 -8.62 1.87
CA ASP A 21 -1.25 -8.99 0.57
C ASP A 21 -2.79 -9.22 0.57
N LEU A 22 -3.47 -8.90 1.70
CA LEU A 22 -4.94 -9.00 1.76
C LEU A 22 -5.53 -7.93 0.87
N ILE A 23 -6.68 -8.25 0.28
CA ILE A 23 -7.30 -7.39 -0.71
C ILE A 23 -8.63 -6.84 -0.23
N PRO A 24 -8.92 -5.53 -0.39
CA PRO A 24 -10.22 -5.01 0.12
C PRO A 24 -11.42 -5.61 -0.61
N ARG A 25 -12.55 -5.62 0.07
CA ARG A 25 -13.79 -6.19 -0.43
C ARG A 25 -14.91 -5.19 -0.30
N LEU A 26 -15.98 -5.39 -1.06
CA LEU A 26 -17.17 -4.58 -0.88
C LEU A 26 -18.01 -5.30 0.17
N PRO A 27 -18.96 -4.63 0.85
CA PRO A 27 -19.81 -5.37 1.82
C PRO A 27 -20.50 -6.56 1.15
N ASP A 28 -20.70 -7.66 1.90
CA ASP A 28 -21.34 -8.90 1.42
C ASP A 28 -22.65 -8.65 0.65
N GLY A 29 -22.79 -9.32 -0.49
CA GLY A 29 -23.97 -9.23 -1.35
C GLY A 29 -24.08 -7.99 -2.22
N GLN A 30 -23.11 -7.04 -2.08
CA GLN A 30 -23.13 -5.81 -2.89
C GLN A 30 -22.50 -6.13 -4.23
N ALA A 31 -23.31 -6.13 -5.29
CA ALA A 31 -22.85 -6.41 -6.65
C ALA A 31 -22.28 -5.14 -7.28
N PHE A 32 -21.22 -5.29 -8.06
CA PHE A 32 -20.70 -4.11 -8.71
C PHE A 32 -20.87 -4.21 -10.23
N ASP A 33 -21.40 -3.13 -10.79
CA ASP A 33 -21.62 -2.95 -12.22
C ASP A 33 -21.05 -1.58 -12.60
N VAL A 34 -19.99 -1.59 -13.42
CA VAL A 34 -19.31 -0.38 -13.88
C VAL A 34 -20.28 0.59 -14.66
N ASN A 35 -21.30 0.05 -15.33
CA ASN A 35 -22.28 0.86 -16.08
C ASN A 35 -23.32 1.55 -15.21
N VAL A 36 -23.57 1.02 -14.03
N VAL A 36 -23.44 1.13 -13.95
CA VAL A 36 -24.59 1.57 -13.12
CA VAL A 36 -24.37 1.67 -12.96
C VAL A 36 -23.86 2.46 -12.11
C VAL A 36 -23.61 2.55 -11.94
N ALA A 37 -23.90 3.79 -12.36
N ALA A 37 -23.81 3.87 -12.01
CA ALA A 37 -23.26 4.84 -11.55
CA ALA A 37 -23.16 4.86 -11.13
C ALA A 37 -23.70 4.80 -10.07
C ALA A 37 -24.16 5.45 -10.13
N PRO A 38 -22.81 5.15 -9.10
N PRO A 38 -23.92 5.35 -8.80
CA PRO A 38 -23.22 5.12 -7.68
CA PRO A 38 -24.89 5.90 -7.82
C PRO A 38 -24.34 6.12 -7.36
C PRO A 38 -24.97 7.42 -7.75
N GLU A 39 -25.15 5.81 -6.33
N GLU A 39 -23.84 8.10 -8.07
CA GLU A 39 -26.27 6.65 -5.88
CA GLU A 39 -23.61 9.56 -8.09
C GLU A 39 -25.77 8.05 -5.49
C GLU A 39 -23.86 10.26 -6.69
N PRO A 40 -26.53 9.14 -5.79
N PRO A 40 -25.02 10.90 -6.32
CA PRO A 40 -26.05 10.50 -5.43
CA PRO A 40 -25.05 11.60 -5.01
C PRO A 40 -25.67 10.73 -3.96
C PRO A 40 -25.64 10.82 -3.80
N GLY A 41 -26.26 9.93 -3.06
N GLY A 41 -26.16 9.62 -4.04
CA GLY A 41 -25.98 9.99 -1.64
CA GLY A 41 -26.75 8.78 -3.01
C GLY A 41 -24.83 9.09 -1.24
C GLY A 41 -25.70 8.21 -2.07
N GLN A 42 -24.67 7.96 -1.94
N GLN A 42 -24.76 7.44 -2.63
CA GLN A 42 -23.61 6.97 -1.71
CA GLN A 42 -23.66 6.80 -1.91
C GLN A 42 -22.27 7.38 -2.36
C GLN A 42 -22.30 7.13 -2.57
N VAL A 43 -21.18 6.72 -1.92
CA VAL A 43 -19.83 6.97 -2.45
C VAL A 43 -19.56 5.79 -3.38
N ASN A 44 -18.66 5.95 -4.34
CA ASN A 44 -18.37 4.90 -5.32
C ASN A 44 -17.55 3.74 -4.70
N VAL A 45 -17.34 2.66 -5.47
CA VAL A 45 -16.57 1.49 -4.99
C VAL A 45 -15.09 1.79 -4.78
N MET A 46 -14.50 2.75 -5.53
CA MET A 46 -13.08 3.09 -5.39
C MET A 46 -12.80 3.65 -4.00
N MET A 47 -13.74 4.46 -3.50
CA MET A 47 -13.66 5.02 -2.17
C MET A 47 -14.01 3.95 -1.13
N GLN A 48 -15.04 3.10 -1.37
CA GLN A 48 -15.40 2.02 -0.42
C GLN A 48 -14.21 1.10 -0.17
N LEU A 49 -13.54 0.73 -1.27
CA LEU A 49 -12.36 -0.16 -1.27
C LEU A 49 -11.15 0.53 -0.71
N GLY A 50 -11.02 1.83 -1.02
CA GLY A 50 -9.96 2.69 -0.50
C GLY A 50 -10.01 2.76 1.02
N TYR A 51 -11.21 2.99 1.59
CA TYR A 51 -11.40 3.04 3.04
C TYR A 51 -11.26 1.62 3.70
N ASP A 52 -11.74 0.56 3.05
CA ASP A 52 -11.54 -0.80 3.55
C ASP A 52 -10.01 -1.08 3.65
N GLU A 53 -9.25 -0.72 2.57
CA GLU A 53 -7.80 -0.92 2.51
C GLU A 53 -7.03 -0.11 3.55
N LEU A 54 -7.49 1.10 3.86
CA LEU A 54 -6.87 1.97 4.87
C LEU A 54 -6.90 1.23 6.23
N ARG A 55 -8.06 0.67 6.56
CA ARG A 55 -8.26 -0.13 7.74
C ARG A 55 -7.33 -1.38 7.74
N MET A 56 -7.18 -2.02 6.59
CA MET A 56 -6.35 -3.22 6.46
C MET A 56 -4.87 -2.86 6.64
N ILE A 57 -4.44 -1.71 6.12
CA ILE A 57 -3.04 -1.26 6.26
C ILE A 57 -2.70 -1.04 7.73
N ILE A 58 -3.60 -0.36 8.47
CA ILE A 58 -3.41 -0.15 9.93
C ILE A 58 -3.36 -1.49 10.69
N GLU A 59 -4.23 -2.42 10.33
CA GLU A 59 -4.27 -3.74 10.94
C GLU A 59 -2.98 -4.49 10.65
N TRP A 60 -2.43 -4.33 9.44
CA TRP A 60 -1.19 -5.00 9.07
C TRP A 60 -0.04 -4.38 9.88
N ALA A 61 0.03 -3.02 9.93
CA ALA A 61 1.10 -2.28 10.62
C ALA A 61 1.28 -2.72 12.05
N ARG A 62 0.16 -3.01 12.76
CA ARG A 62 0.23 -3.48 14.17
C ARG A 62 0.90 -4.83 14.33
N LYS A 63 0.88 -5.67 13.26
CA LYS A 63 1.49 -7.00 13.30
C LYS A 63 2.99 -6.93 13.01
N VAL A 64 3.49 -5.78 12.59
CA VAL A 64 4.89 -5.57 12.23
C VAL A 64 5.69 -5.42 13.53
N PRO A 65 6.61 -6.36 13.83
CA PRO A 65 7.23 -6.38 15.15
C PRO A 65 7.51 -5.05 15.87
N GLY A 66 8.30 -4.15 15.29
CA GLY A 66 8.69 -2.98 16.07
C GLY A 66 7.73 -1.81 16.14
N PHE A 67 6.63 -1.87 15.40
CA PHE A 67 5.65 -0.78 15.28
C PHE A 67 4.95 -0.35 16.58
N ASN A 68 4.35 -1.30 17.31
CA ASN A 68 3.62 -1.02 18.55
C ASN A 68 4.49 -0.49 19.67
N GLU A 69 5.81 -0.71 19.61
CA GLU A 69 6.77 -0.25 20.64
C GLU A 69 6.96 1.26 20.53
N LEU A 70 6.83 1.81 19.30
CA LEU A 70 6.94 3.23 19.04
C LEU A 70 5.82 3.99 19.76
N GLN A 71 6.06 5.24 20.13
CA GLN A 71 5.02 6.06 20.76
C GLN A 71 3.91 6.34 19.73
N MET A 72 2.66 6.49 20.20
CA MET A 72 1.47 6.75 19.40
C MET A 72 1.68 7.79 18.28
N GLU A 73 2.34 8.91 18.57
CA GLU A 73 2.55 9.94 17.53
C GLU A 73 3.59 9.51 16.48
N ASP A 74 4.50 8.58 16.81
CA ASP A 74 5.45 8.08 15.81
C ASP A 74 4.75 7.08 14.89
N ARG A 75 3.82 6.30 15.45
CA ARG A 75 2.98 5.35 14.71
C ARG A 75 2.09 6.16 13.78
N MET A 76 1.45 7.24 14.28
CA MET A 76 0.60 8.15 13.51
C MET A 76 1.38 8.86 12.39
N ALA A 77 2.66 9.24 12.64
CA ALA A 77 3.52 9.87 11.65
C ALA A 77 3.91 8.93 10.53
N LEU A 78 4.31 7.68 10.84
CA LEU A 78 4.68 6.66 9.85
C LEU A 78 3.52 6.32 8.93
N LEU A 79 2.33 6.19 9.51
CA LEU A 79 1.14 5.83 8.72
C LEU A 79 0.75 6.92 7.75
N LYS A 80 0.67 8.14 8.26
CA LYS A 80 0.32 9.37 7.52
C LYS A 80 1.26 9.59 6.33
N SER A 81 2.57 9.42 6.56
CA SER A 81 3.62 9.57 5.57
C SER A 81 3.56 8.46 4.52
N SER A 82 3.35 7.20 4.94
CA SER A 82 3.37 6.05 4.01
C SER A 82 2.06 5.60 3.37
N PHE A 83 0.87 6.07 3.84
CA PHE A 83 -0.42 5.62 3.28
C PHE A 83 -0.47 5.61 1.77
N MET A 84 -0.06 6.71 1.11
CA MET A 84 -0.09 6.72 -0.36
C MET A 84 0.83 5.68 -0.99
N ASP A 85 2.06 5.60 -0.55
CA ASP A 85 3.03 4.61 -1.04
C ASP A 85 2.57 3.17 -0.81
N LEU A 86 2.08 2.88 0.38
CA LEU A 86 1.55 1.54 0.70
C LEU A 86 0.36 1.19 -0.15
N ASN A 87 -0.62 2.10 -0.30
CA ASN A 87 -1.81 1.84 -1.15
C ASN A 87 -1.35 1.57 -2.59
N CYS A 88 -0.40 2.37 -3.09
CA CYS A 88 0.13 2.23 -4.45
CA CYS A 88 0.10 2.20 -4.44
C CYS A 88 0.86 0.89 -4.65
N LEU A 89 1.74 0.54 -3.71
CA LEU A 89 2.47 -0.71 -3.74
C LEU A 89 1.52 -1.93 -3.72
N ARG A 90 0.56 -1.93 -2.80
CA ARG A 90 -0.41 -3.03 -2.64
C ARG A 90 -1.26 -3.16 -3.90
N LEU A 91 -1.76 -2.03 -4.41
CA LEU A 91 -2.59 -2.03 -5.62
C LEU A 91 -1.83 -2.55 -6.87
N SER A 92 -0.66 -1.98 -7.15
CA SER A 92 0.14 -2.36 -8.29
C SER A 92 0.50 -3.83 -8.25
N TYR A 93 0.87 -4.35 -7.08
CA TYR A 93 1.25 -5.76 -6.95
C TYR A 93 0.08 -6.70 -7.29
N ARG A 94 -1.09 -6.47 -6.73
CA ARG A 94 -2.24 -7.36 -7.03
C ARG A 94 -2.76 -7.21 -8.48
N CYS A 95 -2.43 -6.08 -9.15
CA CYS A 95 -2.85 -5.85 -10.55
C CYS A 95 -2.10 -6.74 -11.55
N LEU A 96 -0.94 -7.24 -11.19
CA LEU A 96 -0.04 -7.95 -12.12
C LEU A 96 -0.74 -9.05 -12.89
N PRO A 97 -1.59 -9.93 -12.33
CA PRO A 97 -2.25 -10.92 -13.22
C PRO A 97 -3.43 -10.38 -14.02
N TRP A 98 -3.89 -9.14 -13.71
CA TRP A 98 -5.07 -8.49 -14.32
C TRP A 98 -4.73 -7.44 -15.37
N LEU A 99 -3.44 -7.16 -15.59
CA LEU A 99 -3.02 -6.17 -16.58
C LEU A 99 -3.66 -6.40 -17.97
N PRO A 100 -4.13 -5.35 -18.69
CA PRO A 100 -3.92 -3.89 -18.48
C PRO A 100 -4.91 -3.20 -17.54
N LYS A 101 -5.73 -3.98 -16.84
CA LYS A 101 -6.77 -3.47 -15.97
C LYS A 101 -6.27 -3.20 -14.57
N VAL A 102 -7.05 -2.46 -13.81
CA VAL A 102 -6.76 -2.10 -12.41
C VAL A 102 -7.66 -2.95 -11.52
N TYR A 103 -7.06 -3.75 -10.63
CA TYR A 103 -7.79 -4.63 -9.70
C TYR A 103 -7.89 -3.94 -8.34
N PHE A 104 -8.93 -3.13 -8.15
CA PHE A 104 -9.12 -2.33 -6.92
C PHE A 104 -9.48 -3.17 -5.72
N GLY A 105 -10.22 -4.24 -5.96
CA GLY A 105 -10.65 -5.12 -4.89
C GLY A 105 -11.53 -6.24 -5.40
N HIS A 106 -11.84 -7.23 -4.54
CA HIS A 106 -12.70 -8.35 -4.89
C HIS A 106 -13.98 -7.86 -5.61
N GLY A 107 -14.20 -8.33 -6.84
CA GLY A 107 -15.35 -7.99 -7.66
C GLY A 107 -15.19 -6.72 -8.49
N VAL A 108 -14.03 -6.03 -8.36
CA VAL A 108 -13.83 -4.76 -9.05
C VAL A 108 -12.53 -4.70 -9.85
N VAL A 109 -12.61 -4.95 -11.15
CA VAL A 109 -11.46 -4.86 -12.03
C VAL A 109 -11.87 -3.86 -13.12
N LEU A 110 -11.14 -2.75 -13.26
CA LEU A 110 -11.57 -1.72 -14.22
C LEU A 110 -10.51 -1.38 -15.25
N SER A 111 -10.92 -1.00 -16.47
CA SER A 111 -9.90 -0.52 -17.41
C SER A 111 -9.43 0.84 -16.91
N VAL A 112 -8.34 1.39 -17.46
CA VAL A 112 -7.91 2.74 -17.05
C VAL A 112 -9.00 3.82 -17.34
N GLU A 113 -9.75 3.66 -18.43
CA GLU A 113 -10.81 4.59 -18.86
C GLU A 113 -11.99 4.63 -17.88
N GLU A 114 -12.36 3.46 -17.34
CA GLU A 114 -13.43 3.29 -16.34
C GLU A 114 -13.00 3.90 -14.99
N THR A 115 -11.69 3.90 -14.66
CA THR A 115 -11.23 4.47 -13.37
C THR A 115 -11.47 5.98 -13.33
N ALA A 116 -11.35 6.63 -14.51
CA ALA A 116 -11.56 8.08 -14.69
C ALA A 116 -12.93 8.54 -14.29
N SER A 117 -13.96 7.78 -14.67
CA SER A 117 -15.37 8.08 -14.40
C SER A 117 -15.72 7.87 -12.93
N LEU A 118 -14.85 7.16 -12.18
CA LEU A 118 -15.07 6.78 -10.78
C LEU A 118 -14.31 7.63 -9.75
N GLY A 119 -13.41 8.49 -10.21
CA GLY A 119 -12.66 9.36 -9.33
C GLY A 119 -11.29 9.75 -9.83
N TRP A 120 -10.61 8.83 -10.51
CA TRP A 120 -9.25 9.03 -11.03
C TRP A 120 -9.20 10.02 -12.20
N ASN A 121 -8.02 10.56 -12.48
CA ASN A 121 -7.77 11.44 -13.63
C ASN A 121 -6.52 10.93 -14.34
N ARG A 122 -6.33 11.29 -15.63
CA ARG A 122 -5.18 10.86 -16.44
CA ARG A 122 -5.17 10.89 -16.45
C ARG A 122 -3.84 10.93 -15.67
N ASP A 123 -3.72 11.86 -14.70
CA ASP A 123 -2.54 12.04 -13.86
C ASP A 123 -2.33 10.87 -12.87
N MET A 124 -3.41 10.42 -12.18
CA MET A 124 -3.34 9.28 -11.24
C MET A 124 -3.09 7.96 -12.01
N ILE A 125 -3.65 7.83 -13.26
CA ILE A 125 -3.49 6.69 -14.18
C ILE A 125 -2.01 6.55 -14.55
N THR A 126 -1.34 7.67 -14.89
CA THR A 126 0.06 7.71 -15.26
C THR A 126 0.96 7.20 -14.13
N LEU A 127 0.66 7.60 -12.88
CA LEU A 127 1.41 7.17 -11.71
C LEU A 127 1.28 5.68 -11.49
N TRP A 128 0.05 5.13 -11.60
CA TRP A 128 -0.13 3.71 -11.40
C TRP A 128 0.62 2.94 -12.49
N GLU A 129 0.56 3.44 -13.74
CA GLU A 129 1.23 2.81 -14.89
C GLU A 129 2.71 2.64 -14.61
N GLN A 130 3.33 3.71 -14.09
CA GLN A 130 4.74 3.73 -13.74
C GLN A 130 5.08 2.83 -12.56
N TYR A 131 4.19 2.73 -11.58
CA TYR A 131 4.45 1.90 -10.41
C TYR A 131 4.38 0.38 -10.73
N VAL A 132 3.44 -0.02 -11.63
CA VAL A 132 3.28 -1.41 -12.09
C VAL A 132 4.52 -1.80 -12.91
N GLU A 133 4.97 -0.87 -13.79
CA GLU A 133 6.15 -1.04 -14.65
C GLU A 133 7.39 -1.38 -13.83
N ARG A 134 7.62 -0.70 -12.69
CA ARG A 134 8.78 -0.99 -11.84
C ARG A 134 8.70 -2.39 -11.25
N LEU A 135 7.57 -2.76 -10.62
CA LEU A 135 7.36 -4.10 -10.05
C LEU A 135 7.57 -5.19 -11.08
N GLN A 136 7.09 -4.97 -12.33
CA GLN A 136 7.29 -5.90 -13.45
C GLN A 136 8.79 -6.02 -13.79
N GLU A 137 9.52 -4.88 -13.87
CA GLU A 137 10.96 -4.84 -14.14
C GLU A 137 11.72 -5.65 -13.07
N MET A 138 11.54 -5.26 -11.80
CA MET A 138 12.11 -5.88 -10.59
C MET A 138 11.79 -7.39 -10.47
N LYS A 139 10.66 -7.84 -11.04
CA LYS A 139 10.13 -9.21 -11.04
C LYS A 139 9.96 -9.74 -9.57
N VAL A 140 9.46 -8.82 -8.71
CA VAL A 140 9.23 -8.98 -7.28
C VAL A 140 8.39 -10.24 -7.01
N ASP A 141 8.84 -11.08 -6.06
CA ASP A 141 8.07 -12.26 -5.69
C ASP A 141 7.26 -11.93 -4.41
N HIS A 142 6.48 -12.88 -3.93
CA HIS A 142 5.59 -12.69 -2.77
C HIS A 142 6.33 -12.20 -1.51
N VAL A 143 7.42 -12.88 -1.14
CA VAL A 143 8.26 -12.51 0.02
C VAL A 143 8.79 -11.09 -0.13
N GLU A 144 9.43 -10.78 -1.26
CA GLU A 144 9.97 -9.45 -1.53
C GLU A 144 8.86 -8.36 -1.38
N PHE A 145 7.67 -8.62 -1.91
CA PHE A 145 6.55 -7.65 -1.75
C PHE A 145 6.24 -7.40 -0.27
N CYS A 146 6.13 -8.48 0.51
CA CYS A 146 5.84 -8.41 1.94
C CYS A 146 6.88 -7.57 2.69
N LEU A 147 8.18 -7.82 2.40
CA LEU A 147 9.28 -7.09 3.03
C LEU A 147 9.31 -5.63 2.61
N LEU A 148 9.02 -5.34 1.32
CA LEU A 148 8.95 -3.97 0.81
C LEU A 148 7.87 -3.17 1.53
N ASN A 149 6.75 -3.80 1.92
CA ASN A 149 5.70 -3.06 2.63
C ASN A 149 6.23 -2.49 3.96
N ALA A 150 7.02 -3.29 4.69
CA ALA A 150 7.58 -2.93 5.98
C ALA A 150 8.66 -1.86 5.84
N LEU A 151 9.43 -1.90 4.75
CA LEU A 151 10.48 -0.93 4.42
C LEU A 151 9.89 0.46 4.14
N VAL A 152 8.72 0.51 3.46
CA VAL A 152 7.92 1.70 3.13
C VAL A 152 7.36 2.30 4.41
N LEU A 153 6.85 1.44 5.32
CA LEU A 153 6.30 1.85 6.62
C LEU A 153 7.38 2.53 7.45
N PHE A 154 8.52 1.85 7.69
CA PHE A 154 9.63 2.36 8.49
C PHE A 154 10.47 3.37 7.70
N TYR A 155 9.90 4.55 7.48
CA TYR A 155 10.49 5.65 6.71
C TYR A 155 11.10 6.65 7.70
N PRO A 156 12.42 6.60 7.95
CA PRO A 156 13.02 7.56 8.90
C PRO A 156 12.82 9.06 8.64
N ASP A 157 12.54 9.48 7.39
CA ASP A 157 12.32 10.93 7.11
C ASP A 157 10.85 11.35 7.19
N ALA A 158 9.99 10.53 7.87
CA ALA A 158 8.55 10.79 8.04
C ALA A 158 8.36 12.11 8.78
N SER A 159 7.41 12.95 8.30
CA SER A 159 7.08 14.25 8.88
C SER A 159 6.49 14.12 10.29
N GLY A 160 7.07 14.84 11.25
CA GLY A 160 6.64 14.86 12.63
C GLY A 160 7.12 13.69 13.49
N LEU A 161 8.04 12.86 12.94
CA LEU A 161 8.64 11.69 13.61
C LEU A 161 9.57 12.16 14.70
N LYS A 162 9.33 11.68 15.94
CA LYS A 162 10.09 12.03 17.14
C LYS A 162 11.25 11.08 17.39
N ASP A 163 11.04 9.77 17.21
CA ASP A 163 12.09 8.78 17.43
C ASP A 163 12.70 8.26 16.12
N LYS A 164 13.38 9.16 15.38
CA LYS A 164 14.07 8.86 14.12
C LYS A 164 15.14 7.75 14.25
N PRO A 165 16.03 7.67 15.30
CA PRO A 165 17.01 6.57 15.32
C PRO A 165 16.39 5.17 15.46
N LYS A 166 15.26 5.03 16.19
CA LYS A 166 14.57 3.74 16.37
C LYS A 166 13.95 3.25 15.05
N VAL A 167 13.35 4.16 14.26
CA VAL A 167 12.72 3.83 12.94
C VAL A 167 13.84 3.45 11.93
N THR A 168 15.00 4.09 12.05
CA THR A 168 16.19 3.84 11.23
C THR A 168 16.70 2.41 11.49
N SER A 169 16.70 2.00 12.77
CA SER A 169 17.14 0.67 13.20
C SER A 169 16.08 -0.36 12.77
N LEU A 170 14.78 0.00 12.89
CA LEU A 170 13.71 -0.91 12.47
C LEU A 170 13.77 -1.12 10.97
N GLN A 171 14.04 -0.05 10.18
CA GLN A 171 14.18 -0.17 8.73
C GLN A 171 15.38 -1.06 8.42
N GLY A 172 16.45 -0.89 9.22
CA GLY A 172 17.68 -1.67 9.16
C GLY A 172 17.43 -3.15 9.32
N ASP A 173 16.61 -3.53 10.30
CA ASP A 173 16.22 -4.92 10.55
C ASP A 173 15.49 -5.49 9.31
N VAL A 174 14.59 -4.69 8.69
CA VAL A 174 13.86 -5.12 7.49
C VAL A 174 14.83 -5.29 6.32
N LEU A 175 15.76 -4.32 6.15
CA LEU A 175 16.80 -4.38 5.11
C LEU A 175 17.59 -5.69 5.23
N LYS A 176 18.01 -6.01 6.46
CA LYS A 176 18.76 -7.24 6.78
C LYS A 176 17.95 -8.48 6.33
N SER A 177 16.62 -8.52 6.63
CA SER A 177 15.76 -9.63 6.19
C SER A 177 15.66 -9.70 4.67
N LEU A 178 15.62 -8.53 4.01
CA LEU A 178 15.54 -8.53 2.55
C LEU A 178 16.83 -9.02 1.90
N ARG A 179 18.01 -8.54 2.36
CA ARG A 179 19.26 -9.04 1.78
CA ARG A 179 19.26 -9.04 1.77
C ARG A 179 19.45 -10.52 2.12
N HIS A 180 19.04 -10.94 3.34
CA HIS A 180 19.16 -12.34 3.79
C HIS A 180 18.38 -13.24 2.84
N TYR A 181 17.15 -12.84 2.51
CA TYR A 181 16.28 -13.60 1.64
C TYR A 181 16.79 -13.73 0.19
N THR A 182 17.11 -12.59 -0.48
CA THR A 182 17.60 -12.54 -1.87
C THR A 182 18.93 -13.30 -2.02
N VAL A 183 19.78 -13.25 -0.98
CA VAL A 183 21.05 -13.97 -0.97
C VAL A 183 20.81 -15.49 -0.81
N SER A 184 20.04 -15.92 0.21
CA SER A 184 19.75 -17.35 0.47
C SER A 184 19.01 -18.08 -0.65
N ARG A 185 18.03 -17.42 -1.30
CA ARG A 185 17.24 -18.04 -2.37
C ARG A 185 17.87 -17.93 -3.76
N PHE A 186 18.32 -16.72 -4.15
CA PHE A 186 18.85 -16.47 -5.49
C PHE A 186 20.38 -16.37 -5.60
N ASN A 187 21.10 -16.28 -4.47
CA ASN A 187 22.57 -16.16 -4.36
C ASN A 187 23.10 -15.00 -5.19
N ASP A 188 22.36 -13.89 -5.14
CA ASP A 188 22.64 -12.65 -5.83
C ASP A 188 22.65 -11.57 -4.75
N SER A 189 23.85 -11.12 -4.40
CA SER A 189 24.09 -10.10 -3.38
C SER A 189 23.59 -8.72 -3.81
N ARG A 190 23.50 -8.50 -5.12
CA ARG A 190 23.07 -7.25 -5.75
C ARG A 190 21.56 -7.04 -5.82
N ARG A 191 20.75 -8.14 -5.87
CA ARG A 191 19.29 -8.06 -6.02
C ARG A 191 18.61 -7.12 -5.01
N HIS A 192 18.94 -7.23 -3.70
CA HIS A 192 18.30 -6.37 -2.69
C HIS A 192 18.45 -4.88 -3.02
N ALA A 193 19.68 -4.42 -3.35
CA ALA A 193 19.95 -3.01 -3.69
C ALA A 193 19.22 -2.56 -4.96
N LYS A 194 19.12 -3.45 -5.98
CA LYS A 194 18.49 -3.11 -7.27
C LYS A 194 17.00 -2.83 -7.12
N ILE A 195 16.27 -3.71 -6.40
CA ILE A 195 14.84 -3.54 -6.17
C ILE A 195 14.59 -2.26 -5.32
N LEU A 196 15.46 -1.99 -4.32
CA LEU A 196 15.39 -0.83 -3.44
C LEU A 196 15.64 0.48 -4.21
N LEU A 197 16.44 0.43 -5.29
CA LEU A 197 16.73 1.62 -6.11
C LEU A 197 15.70 1.84 -7.22
N ARG A 198 15.00 0.76 -7.64
CA ARG A 198 13.99 0.83 -8.71
C ARG A 198 12.61 1.17 -8.19
N LEU A 199 12.39 1.02 -6.89
CA LEU A 199 11.11 1.26 -6.26
C LEU A 199 10.79 2.75 -6.21
N PRO A 200 9.64 3.18 -6.82
CA PRO A 200 9.28 4.61 -6.76
C PRO A 200 8.91 4.99 -5.33
N ALA A 201 9.24 6.20 -4.94
CA ALA A 201 8.90 6.74 -3.64
C ALA A 201 8.27 8.10 -3.88
N LEU A 202 6.95 8.14 -3.71
CA LEU A 202 6.11 9.30 -3.94
C LEU A 202 6.23 10.39 -2.85
N ARG A 203 7.28 10.30 -2.00
CA ARG A 203 7.55 11.24 -0.91
C ARG A 203 8.73 12.17 -1.18
N THR A 204 9.60 11.78 -2.14
CA THR A 204 10.78 12.54 -2.59
C THR A 204 10.29 13.90 -3.12
N PHE A 205 9.24 13.85 -3.95
CA PHE A 205 8.48 14.98 -4.48
C PHE A 205 7.15 14.84 -3.74
N SER A 206 6.62 15.94 -3.16
CA SER A 206 5.37 15.88 -2.38
C SER A 206 4.23 15.25 -3.16
N SER A 207 3.59 14.21 -2.58
CA SER A 207 2.44 13.49 -3.16
C SER A 207 1.19 14.41 -3.25
N LYS A 208 1.34 15.63 -2.70
CA LYS A 208 0.36 16.72 -2.67
C LYS A 208 0.46 17.52 -4.00
N ALA A 209 1.24 17.00 -4.99
CA ALA A 209 1.46 17.58 -6.32
C ALA A 209 0.22 17.49 -7.23
N LEU A 210 -0.90 16.95 -6.70
CA LEU A 210 -2.21 16.77 -7.35
C LEU A 210 -2.20 15.74 -8.50
N GLU A 211 -1.04 15.12 -8.77
CA GLU A 211 -0.88 14.06 -9.77
C GLU A 211 -1.43 12.77 -9.13
N SER A 212 -1.20 12.60 -7.81
CA SER A 212 -1.66 11.47 -7.01
C SER A 212 -2.14 11.95 -5.62
N TYR A 213 -2.95 13.02 -5.60
CA TYR A 213 -3.51 13.60 -4.37
C TYR A 213 -4.89 13.03 -4.02
N LEU A 214 -5.08 11.72 -4.28
CA LEU A 214 -6.30 10.96 -3.97
C LEU A 214 -6.39 10.77 -2.44
N SER A 215 -5.24 10.99 -1.75
CA SER A 215 -5.07 10.93 -0.29
C SER A 215 -5.87 12.02 0.41
N MET A 216 -6.08 13.18 -0.26
CA MET A 216 -6.86 14.32 0.23
C MET A 216 -8.34 13.92 0.36
N ALA A 217 -8.84 13.11 -0.59
CA ALA A 217 -10.20 12.58 -0.59
C ALA A 217 -10.34 11.53 0.52
N LEU A 218 -9.27 10.71 0.72
CA LEU A 218 -9.19 9.67 1.74
C LEU A 218 -9.13 10.24 3.15
N ASP A 219 -8.35 11.32 3.36
CA ASP A 219 -8.19 11.99 4.64
C ASP A 219 -9.42 12.85 5.02
N GLY A 220 -10.06 13.42 3.99
CA GLY A 220 -11.23 14.28 4.15
C GLY A 220 -12.50 13.56 4.53
N VAL A 221 -12.88 12.54 3.76
CA VAL A 221 -14.11 11.78 3.97
C VAL A 221 -14.16 10.99 5.29
N LEU A 222 -13.11 10.21 5.60
CA LEU A 222 -13.07 9.35 6.78
C LEU A 222 -12.44 9.94 8.05
N LYS A 223 -11.80 11.15 7.97
CA LYS A 223 -11.13 11.79 9.14
C LYS A 223 -10.17 10.75 9.78
N VAL A 224 -9.18 10.34 8.98
CA VAL A 224 -8.17 9.30 9.20
C VAL A 224 -7.46 9.40 10.58
N ASP A 225 -7.15 10.63 11.06
CA ASP A 225 -6.48 10.85 12.34
C ASP A 225 -7.22 10.21 13.54
N GLU A 226 -8.55 10.39 13.60
CA GLU A 226 -9.43 9.85 14.66
C GLU A 226 -9.51 8.30 14.61
N LEU A 227 -9.57 7.73 13.38
CA LEU A 227 -9.64 6.28 13.18
CA LEU A 227 -9.63 6.28 13.15
C LEU A 227 -8.32 5.60 13.54
N VAL A 228 -7.17 6.19 13.12
CA VAL A 228 -5.83 5.66 13.42
C VAL A 228 -5.62 5.56 14.93
N THR A 229 -5.96 6.61 15.69
CA THR A 229 -5.82 6.65 17.15
C THR A 229 -6.62 5.54 17.81
N GLU A 230 -7.84 5.30 17.32
CA GLU A 230 -8.76 4.27 17.77
C GLU A 230 -8.19 2.87 17.53
N MET A 231 -7.62 2.65 16.34
CA MET A 231 -7.07 1.35 15.98
C MET A 231 -5.73 1.03 16.62
N LEU A 232 -4.92 2.05 16.94
CA LEU A 232 -3.63 1.83 17.55
C LEU A 232 -3.70 1.82 19.09
N SER A 233 -4.85 2.21 19.67
CA SER A 233 -5.06 2.20 21.12
C SER A 233 -5.26 0.78 21.64
#